data_6V17
#
_entry.id   6V17
#
_cell.length_a   41.102
_cell.length_b   64.749
_cell.length_c   96.107
_cell.angle_alpha   90.000
_cell.angle_beta   90.000
_cell.angle_gamma   90.000
#
_symmetry.space_group_name_H-M   'P 21 21 21'
#
loop_
_entity.id
_entity.type
_entity.pdbx_description
1 polymer 'Bromodomain-containing protein 7'
2 non-polymer 'CHLORIDE ION'
3 non-polymer "N'-[1,1-bis(oxidanylidene)thian-4-yl]-5-ethyl-4-oxidanylidene-7-[3-(trifluoromethyl)phenyl]thieno[3,2-c]pyridine-2-carboximidamide"
4 water water
#
_entity_poly.entity_id   1
_entity_poly.type   'polypeptide(L)'
_entity_poly.pdbx_seq_one_letter_code
;ESEVEQTPLQEALNQLMRQLQRKDPSAFFSFPVTDFIAPGYSMIIKHPMDFSTMKEKIKNNDYQSIEELKDNFKLMCTNA
MIYNKPETIYYKAAKKLLHSGMKILSQERIQSLKQSIDFMADL
;
_entity_poly.pdbx_strand_id   A,B
#
loop_
_chem_comp.id
_chem_comp.type
_chem_comp.name
_chem_comp.formula
CL non-polymer 'CHLORIDE ION' 'Cl -1'
H1B non-polymer N'-[1,1-bis(oxidanylidene)thian-4-yl]-5-ethyl-4-oxidanylidene-7-[3-(trifluoromethyl)phenyl]thieno[3,2-c]pyridine-2-carboximidamide 'C22 H22 F3 N3 O3 S2'
#
# COMPACT_ATOMS: atom_id res chain seq x y z
N GLU A 5 12.58 -3.59 25.31
CA GLU A 5 12.51 -2.16 25.07
C GLU A 5 11.92 -1.85 23.71
N GLN A 6 12.31 -2.61 22.70
CA GLN A 6 11.88 -2.36 21.35
C GLN A 6 10.56 -3.08 21.09
N THR A 7 9.62 -2.37 20.46
CA THR A 7 8.38 -2.97 20.05
C THR A 7 8.64 -3.94 18.90
N PRO A 8 7.79 -4.96 18.73
CA PRO A 8 7.95 -5.82 17.55
C PRO A 8 7.95 -5.02 16.26
N LEU A 9 7.10 -4.00 16.17
CA LEU A 9 7.12 -3.12 15.00
C LEU A 9 8.48 -2.44 14.83
N GLN A 10 9.00 -1.84 15.89
CA GLN A 10 10.32 -1.21 15.78
C GLN A 10 11.39 -2.21 15.39
N GLU A 11 11.34 -3.43 15.93
CA GLU A 11 12.35 -4.43 15.57
C GLU A 11 12.24 -4.77 14.09
N ALA A 12 11.02 -4.86 13.56
CA ALA A 12 10.84 -5.14 12.13
C ALA A 12 11.26 -3.95 11.28
N LEU A 13 10.97 -2.72 11.70
CA LEU A 13 11.46 -1.58 10.93
C LEU A 13 12.98 -1.53 10.92
N ASN A 14 13.61 -1.82 12.07
CA ASN A 14 15.06 -1.76 12.11
C ASN A 14 15.68 -2.83 11.23
N GLN A 15 15.03 -3.99 11.15
CA GLN A 15 15.52 -5.08 10.30
C GLN A 15 15.44 -4.70 8.83
N LEU A 16 14.30 -4.14 8.41
CA LEU A 16 14.14 -3.65 7.04
C LEU A 16 15.15 -2.55 6.72
N MET A 17 15.35 -1.66 7.67
CA MET A 17 16.33 -0.59 7.51
C MET A 17 17.73 -1.13 7.21
N ARG A 18 18.17 -2.15 7.96
CA ARG A 18 19.50 -2.71 7.71
C ARG A 18 19.57 -3.34 6.33
N GLN A 19 18.50 -4.02 5.92
CA GLN A 19 18.42 -4.58 4.58
C GLN A 19 18.53 -3.49 3.52
N LEU A 20 17.77 -2.41 3.67
CA LEU A 20 17.81 -1.35 2.67
C LEU A 20 19.20 -0.72 2.60
N GLN A 21 19.80 -0.44 3.77
CA GLN A 21 21.09 0.20 3.77
C GLN A 21 22.15 -0.61 3.04
N ARG A 22 22.04 -1.94 3.11
CA ARG A 22 23.02 -2.75 2.38
C ARG A 22 22.86 -2.54 0.88
N LYS A 23 21.69 -2.07 0.43
CA LYS A 23 21.55 -1.78 -1.00
C LYS A 23 22.05 -0.39 -1.36
N ASP A 24 22.69 0.31 -0.41
CA ASP A 24 23.35 1.59 -0.65
C ASP A 24 24.83 1.41 -0.28
N PRO A 25 25.58 0.66 -1.08
CA PRO A 25 26.98 0.40 -0.74
C PRO A 25 27.87 1.63 -0.78
N SER A 26 27.51 2.66 -1.55
CA SER A 26 28.24 3.91 -1.55
C SER A 26 27.95 4.76 -0.33
N ALA A 27 26.89 4.45 0.42
CA ALA A 27 26.47 5.23 1.58
C ALA A 27 26.09 6.65 1.20
N PHE A 28 25.62 6.85 -0.05
CA PHE A 28 25.13 8.17 -0.43
C PHE A 28 23.91 8.59 0.36
N PHE A 29 23.16 7.62 0.91
CA PHE A 29 21.91 7.92 1.57
C PHE A 29 22.01 7.91 3.09
N SER A 30 23.23 7.88 3.63
CA SER A 30 23.40 7.64 5.05
C SER A 30 23.02 8.86 5.88
N PHE A 31 23.21 10.05 5.36
CA PHE A 31 23.08 11.26 6.13
C PHE A 31 22.31 12.29 5.31
N PRO A 32 21.71 13.29 5.96
CA PRO A 32 20.97 14.31 5.20
C PRO A 32 21.90 14.97 4.18
N VAL A 33 21.35 15.31 3.02
CA VAL A 33 22.13 15.94 1.97
C VAL A 33 22.36 17.38 2.37
N THR A 34 23.62 17.80 2.44
CA THR A 34 23.99 19.16 2.79
C THR A 34 24.11 20.02 1.55
N ASP A 35 24.04 21.35 1.76
CA ASP A 35 24.19 22.27 0.65
C ASP A 35 25.64 22.31 0.15
N PHE A 36 26.61 22.01 1.01
CA PHE A 36 27.99 21.90 0.55
C PHE A 36 28.16 20.80 -0.49
N ILE A 37 27.59 19.62 -0.23
CA ILE A 37 27.78 18.51 -1.13
C ILE A 37 26.84 18.59 -2.32
N ALA A 38 25.75 19.34 -2.17
CA ALA A 38 24.74 19.47 -3.22
C ALA A 38 24.29 20.92 -3.21
N PRO A 39 24.99 21.80 -3.92
CA PRO A 39 24.67 23.21 -3.85
C PRO A 39 23.21 23.48 -4.23
N GLY A 40 22.55 24.31 -3.44
CA GLY A 40 21.17 24.66 -3.70
C GLY A 40 20.14 23.67 -3.24
N TYR A 41 20.55 22.54 -2.65
CA TYR A 41 19.60 21.48 -2.31
C TYR A 41 18.46 21.99 -1.42
N SER A 42 18.81 22.68 -0.32
CA SER A 42 17.84 23.31 0.60
C SER A 42 16.83 24.21 -0.10
N MET A 43 17.16 24.74 -1.29
CA MET A 43 16.28 25.64 -2.00
C MET A 43 15.31 24.91 -2.93
N ILE A 44 15.56 23.66 -3.26
CA ILE A 44 14.84 22.96 -4.31
C ILE A 44 13.99 21.83 -3.76
N ILE A 45 14.56 21.03 -2.87
CA ILE A 45 13.94 19.77 -2.47
C ILE A 45 13.05 20.04 -1.26
N LYS A 46 11.76 19.73 -1.41
CA LYS A 46 10.79 20.20 -0.43
C LYS A 46 10.79 19.33 0.82
N HIS A 47 10.97 18.00 0.68
CA HIS A 47 10.89 17.07 1.80
C HIS A 47 12.12 16.18 1.81
N PRO A 48 13.25 16.68 2.32
CA PRO A 48 14.46 15.85 2.41
C PRO A 48 14.24 14.58 3.24
N MET A 49 14.94 13.51 2.85
CA MET A 49 14.89 12.27 3.60
C MET A 49 16.20 11.52 3.40
N ASP A 50 16.61 10.78 4.43
CA ASP A 50 17.86 10.02 4.40
C ASP A 50 17.74 8.91 5.44
N PHE A 51 18.66 7.94 5.36
CA PHE A 51 18.58 6.79 6.26
C PHE A 51 18.74 7.21 7.72
N SER A 52 19.65 8.14 8.02
CA SER A 52 19.84 8.50 9.43
C SER A 52 18.56 9.07 10.02
N THR A 53 17.81 9.88 9.26
CA THR A 53 16.54 10.43 9.73
C THR A 53 15.51 9.32 9.91
N MET A 54 15.47 8.36 8.99
CA MET A 54 14.59 7.20 9.13
C MET A 54 14.94 6.39 10.37
N LYS A 55 16.22 6.20 10.61
CA LYS A 55 16.64 5.44 11.77
C LYS A 55 16.22 6.16 13.05
N GLU A 56 16.40 7.48 13.10
CA GLU A 56 15.99 8.26 14.27
C GLU A 56 14.48 8.25 14.49
N LYS A 57 13.70 8.19 13.41
CA LYS A 57 12.25 8.10 13.56
C LYS A 57 11.84 6.76 14.18
N ILE A 58 12.47 5.67 13.77
CA ILE A 58 12.16 4.37 14.38
C ILE A 58 12.54 4.38 15.85
N LYS A 59 13.77 4.81 16.15
CA LYS A 59 14.23 4.87 17.54
C LYS A 59 13.33 5.76 18.39
N ASN A 60 12.80 6.83 17.81
CA ASN A 60 11.95 7.77 18.51
C ASN A 60 10.47 7.41 18.41
N ASN A 61 10.16 6.17 18.02
CA ASN A 61 8.79 5.65 17.95
C ASN A 61 7.89 6.55 17.10
N ASP A 62 8.43 7.09 16.01
CA ASP A 62 7.65 7.98 15.17
C ASP A 62 6.90 7.25 14.07
N TYR A 63 7.32 6.04 13.72
CA TYR A 63 6.67 5.32 12.64
C TYR A 63 5.45 4.59 13.17
N GLN A 64 4.31 4.84 12.53
CA GLN A 64 3.07 4.17 12.89
C GLN A 64 2.87 2.87 12.14
N SER A 65 3.55 2.68 11.02
CA SER A 65 3.34 1.47 10.24
C SER A 65 4.54 1.26 9.31
N ILE A 66 4.62 0.04 8.77
CA ILE A 66 5.64 -0.26 7.78
C ILE A 66 5.45 0.63 6.56
N GLU A 67 4.20 0.92 6.20
CA GLU A 67 3.96 1.68 5.00
C GLU A 67 4.48 3.10 5.10
N GLU A 68 4.47 3.70 6.28
CA GLU A 68 5.06 5.03 6.45
C GLU A 68 6.54 4.99 6.13
N LEU A 69 7.26 4.00 6.67
CA LEU A 69 8.66 3.84 6.33
C LEU A 69 8.86 3.68 4.83
N LYS A 70 8.06 2.81 4.20
CA LYS A 70 8.14 2.60 2.77
C LYS A 70 7.95 3.90 2.03
N ASP A 71 6.97 4.72 2.45
CA ASP A 71 6.76 6.02 1.82
C ASP A 71 8.01 6.91 1.98
N ASN A 72 8.57 6.95 3.18
CA ASN A 72 9.80 7.70 3.40
C ASN A 72 10.91 7.18 2.50
N PHE A 73 10.99 5.85 2.35
CA PHE A 73 12.05 5.27 1.53
C PHE A 73 11.92 5.72 0.08
N LYS A 74 10.71 5.65 -0.46
CA LYS A 74 10.46 6.08 -1.84
C LYS A 74 10.74 7.56 -2.03
N LEU A 75 10.29 8.39 -1.10
CA LEU A 75 10.59 9.82 -1.15
C LEU A 75 12.09 10.04 -1.25
N MET A 76 12.86 9.35 -0.40
CA MET A 76 14.29 9.50 -0.38
C MET A 76 14.91 9.19 -1.74
N CYS A 77 14.48 8.09 -2.37
CA CYS A 77 15.04 7.75 -3.68
C CYS A 77 14.56 8.70 -4.78
N THR A 78 13.29 9.11 -4.74
CA THR A 78 12.78 10.03 -5.78
C THR A 78 13.44 11.40 -5.71
N ASN A 79 13.62 11.95 -4.50
CA ASN A 79 14.35 13.21 -4.37
C ASN A 79 15.67 13.14 -5.13
N ALA A 80 16.35 12.01 -5.00
CA ALA A 80 17.67 11.86 -5.58
C ALA A 80 17.59 11.69 -7.09
N MET A 81 16.52 11.06 -7.59
CA MET A 81 16.37 10.91 -9.04
C MET A 81 15.80 12.16 -9.70
N ILE A 82 15.34 13.13 -8.93
CA ILE A 82 14.95 14.42 -9.50
C ILE A 82 16.11 15.42 -9.46
N TYR A 83 16.75 15.58 -8.30
CA TYR A 83 17.75 16.61 -8.14
C TYR A 83 18.96 16.35 -9.03
N ASN A 84 19.23 15.08 -9.31
CA ASN A 84 20.43 14.69 -10.03
C ASN A 84 20.06 14.26 -11.44
N LYS A 85 20.88 14.66 -12.42
CA LYS A 85 20.69 14.27 -13.81
C LYS A 85 20.90 12.76 -14.00
N PRO A 86 20.28 12.20 -15.05
CA PRO A 86 20.37 10.74 -15.23
C PRO A 86 21.78 10.19 -15.35
N GLU A 87 22.72 10.95 -15.90
CA GLU A 87 24.05 10.38 -16.11
C GLU A 87 24.89 10.34 -14.84
N THR A 88 24.40 10.87 -13.73
CA THR A 88 25.23 11.01 -12.56
C THR A 88 25.27 9.72 -11.76
N ILE A 89 26.31 9.62 -10.92
CA ILE A 89 26.46 8.44 -10.07
C ILE A 89 25.36 8.43 -9.01
N TYR A 90 24.89 9.59 -8.58
CA TYR A 90 23.86 9.63 -7.56
C TYR A 90 22.51 9.18 -8.12
N TYR A 91 22.18 9.61 -9.33
CA TYR A 91 20.95 9.11 -9.94
C TYR A 91 21.01 7.59 -10.08
N LYS A 92 22.14 7.07 -10.58
CA LYS A 92 22.25 5.63 -10.81
C LYS A 92 22.13 4.87 -9.51
N ALA A 93 22.79 5.35 -8.45
CA ALA A 93 22.67 4.71 -7.14
C ALA A 93 21.24 4.77 -6.62
N ALA A 94 20.54 5.87 -6.89
CA ALA A 94 19.17 5.98 -6.40
C ALA A 94 18.24 5.02 -7.13
N LYS A 95 18.41 4.91 -8.46
CA LYS A 95 17.58 3.98 -9.22
C LYS A 95 17.77 2.55 -8.73
N LYS A 96 19.01 2.16 -8.45
CA LYS A 96 19.25 0.80 -7.97
C LYS A 96 18.70 0.61 -6.56
N LEU A 97 18.92 1.58 -5.69
CA LEU A 97 18.38 1.43 -4.34
C LEU A 97 16.88 1.30 -4.38
N LEU A 98 16.22 2.09 -5.24
CA LEU A 98 14.77 2.04 -5.32
C LEU A 98 14.29 0.68 -5.78
N HIS A 99 14.92 0.14 -6.83
CA HIS A 99 14.47 -1.13 -7.38
C HIS A 99 14.69 -2.26 -6.37
N SER A 100 15.85 -2.30 -5.71
CA SER A 100 16.08 -3.31 -4.70
C SER A 100 15.17 -3.09 -3.49
N GLY A 101 14.99 -1.83 -3.08
CA GLY A 101 14.18 -1.56 -1.91
C GLY A 101 12.73 -1.92 -2.12
N MET A 102 12.22 -1.75 -3.35
CA MET A 102 10.84 -2.12 -3.62
C MET A 102 10.65 -3.62 -3.59
N LYS A 103 11.73 -4.41 -3.66
CA LYS A 103 11.55 -5.83 -3.42
C LYS A 103 11.56 -6.14 -1.93
N ILE A 104 12.43 -5.45 -1.19
CA ILE A 104 12.49 -5.64 0.25
C ILE A 104 11.19 -5.20 0.91
N LEU A 105 10.58 -4.13 0.39
CA LEU A 105 9.34 -3.60 0.93
C LEU A 105 8.14 -3.91 0.03
N SER A 106 8.22 -5.02 -0.71
CA SER A 106 7.10 -5.35 -1.59
C SER A 106 5.82 -5.51 -0.78
N GLN A 107 4.69 -5.22 -1.44
CA GLN A 107 3.40 -5.29 -0.78
C GLN A 107 3.20 -6.64 -0.11
N GLU A 108 3.78 -7.69 -0.69
CA GLU A 108 3.64 -9.02 -0.13
C GLU A 108 4.34 -9.14 1.23
N ARG A 109 5.59 -8.73 1.33
CA ARG A 109 6.25 -9.02 2.61
C ARG A 109 5.89 -8.03 3.71
N ILE A 110 5.58 -6.77 3.37
CA ILE A 110 5.20 -5.78 4.39
C ILE A 110 3.94 -6.22 5.12
N GLN A 111 2.97 -6.78 4.43
CA GLN A 111 1.76 -7.09 5.15
C GLN A 111 1.77 -8.50 5.72
N SER A 112 2.64 -9.36 5.20
CA SER A 112 2.91 -10.64 5.84
C SER A 112 3.92 -10.52 6.96
N LEU A 113 4.71 -9.43 7.00
CA LEU A 113 5.47 -9.15 8.21
C LEU A 113 4.56 -8.60 9.29
N LYS A 114 3.49 -7.91 8.90
CA LYS A 114 2.62 -7.25 9.85
C LYS A 114 1.64 -8.23 10.47
N GLN A 115 1.12 -9.16 9.68
CA GLN A 115 0.26 -10.17 10.27
C GLN A 115 1.05 -11.19 11.08
N SER A 116 2.34 -11.35 10.83
CA SER A 116 3.15 -12.18 11.71
C SER A 116 3.36 -11.48 13.05
N ILE A 117 3.56 -10.16 13.01
CA ILE A 117 3.60 -9.38 14.24
C ILE A 117 2.28 -9.51 14.98
N ASP A 118 1.17 -9.36 14.25
CA ASP A 118 -0.15 -9.45 14.87
C ASP A 118 -0.44 -10.86 15.36
N PHE A 119 -0.10 -11.88 14.56
CA PHE A 119 -0.24 -13.26 15.01
C PHE A 119 0.49 -13.47 16.33
N MET A 120 1.76 -13.07 16.39
CA MET A 120 2.54 -13.20 17.61
C MET A 120 1.95 -12.37 18.73
N ALA A 121 1.30 -11.25 18.39
CA ALA A 121 0.64 -10.46 19.42
C ALA A 121 -0.50 -11.22 20.06
N ASP A 122 -1.11 -12.14 19.32
CA ASP A 122 -2.29 -12.85 19.76
C ASP A 122 -2.01 -14.20 20.36
N LEU A 123 -0.75 -14.66 20.35
CA LEU A 123 -0.48 -16.01 20.80
C LEU A 123 -0.86 -16.13 22.26
N GLU B 5 7.99 -8.23 -8.86
CA GLU B 5 6.92 -9.12 -9.28
C GLU B 5 5.65 -8.33 -9.50
N GLN B 6 5.34 -7.45 -8.56
CA GLN B 6 4.13 -6.66 -8.59
C GLN B 6 4.35 -5.30 -9.25
N THR B 7 3.42 -4.92 -10.12
CA THR B 7 3.43 -3.59 -10.70
C THR B 7 3.05 -2.56 -9.63
N PRO B 8 3.43 -1.29 -9.82
CA PRO B 8 2.97 -0.27 -8.86
C PRO B 8 1.46 -0.20 -8.74
N LEU B 9 0.72 -0.29 -9.85
CA LEU B 9 -0.74 -0.31 -9.77
C LEU B 9 -1.22 -1.50 -8.94
N GLN B 10 -0.68 -2.69 -9.22
CA GLN B 10 -1.03 -3.88 -8.44
C GLN B 10 -0.76 -3.68 -6.95
N GLU B 11 0.37 -3.07 -6.61
CA GLU B 11 0.68 -2.85 -5.21
C GLU B 11 -0.31 -1.87 -4.57
N ALA B 12 -0.72 -0.84 -5.31
CA ALA B 12 -1.69 0.11 -4.76
C ALA B 12 -3.07 -0.54 -4.62
N LEU B 13 -3.46 -1.41 -5.55
CA LEU B 13 -4.76 -2.06 -5.42
C LEU B 13 -4.79 -2.98 -4.20
N ASN B 14 -3.69 -3.70 -3.95
CA ASN B 14 -3.64 -4.57 -2.78
C ASN B 14 -3.69 -3.77 -1.48
N GLN B 15 -3.07 -2.57 -1.45
CA GLN B 15 -3.13 -1.73 -0.25
C GLN B 15 -4.55 -1.20 -0.02
N LEU B 16 -5.21 -0.71 -1.08
CA LEU B 16 -6.61 -0.30 -0.96
C LEU B 16 -7.46 -1.46 -0.50
N MET B 17 -7.20 -2.66 -1.04
CA MET B 17 -7.90 -3.87 -0.62
C MET B 17 -7.79 -4.11 0.87
N ARG B 18 -6.58 -3.97 1.41
CA ARG B 18 -6.36 -4.25 2.83
C ARG B 18 -7.16 -3.30 3.70
N GLN B 19 -7.22 -2.02 3.32
CA GLN B 19 -8.05 -1.05 4.04
C GLN B 19 -9.51 -1.44 3.98
N LEU B 20 -10.00 -1.80 2.78
CA LEU B 20 -11.40 -2.14 2.62
C LEU B 20 -11.79 -3.35 3.46
N GLN B 21 -10.96 -4.40 3.43
CA GLN B 21 -11.29 -5.60 4.17
C GLN B 21 -11.36 -5.35 5.67
N ARG B 22 -10.58 -4.38 6.17
CA ARG B 22 -10.65 -4.02 7.58
C ARG B 22 -12.01 -3.43 7.94
N LYS B 23 -12.73 -2.88 6.97
CA LYS B 23 -14.09 -2.40 7.18
C LYS B 23 -15.16 -3.50 7.02
N ASP B 24 -14.75 -4.76 6.87
CA ASP B 24 -15.66 -5.90 6.90
C ASP B 24 -15.25 -6.79 8.08
N PRO B 25 -15.57 -6.38 9.30
CA PRO B 25 -15.16 -7.19 10.46
C PRO B 25 -15.86 -8.54 10.52
N SER B 26 -17.06 -8.67 9.99
CA SER B 26 -17.71 -9.96 10.00
C SER B 26 -17.25 -10.90 8.88
N ALA B 27 -16.50 -10.39 7.88
CA ALA B 27 -16.00 -11.17 6.75
C ALA B 27 -17.12 -11.76 5.89
N PHE B 28 -18.30 -11.13 5.88
CA PHE B 28 -19.38 -11.56 5.01
C PHE B 28 -18.99 -11.47 3.55
N PHE B 29 -18.00 -10.64 3.24
CA PHE B 29 -17.60 -10.34 1.88
C PHE B 29 -16.30 -11.06 1.48
N SER B 30 -15.86 -12.05 2.26
CA SER B 30 -14.54 -12.66 2.06
C SER B 30 -14.50 -13.69 0.93
N PHE B 31 -15.61 -14.37 0.68
CA PHE B 31 -15.66 -15.48 -0.26
C PHE B 31 -16.92 -15.34 -1.12
N PRO B 32 -16.95 -16.02 -2.27
CA PRO B 32 -18.17 -15.97 -3.09
C PRO B 32 -19.37 -16.44 -2.28
N VAL B 33 -20.51 -15.82 -2.53
CA VAL B 33 -21.74 -16.19 -1.84
C VAL B 33 -22.22 -17.51 -2.42
N THR B 34 -22.38 -18.51 -1.58
CA THR B 34 -22.80 -19.84 -1.99
C THR B 34 -24.31 -20.00 -1.95
N ASP B 35 -24.82 -20.95 -2.74
CA ASP B 35 -26.23 -21.27 -2.68
C ASP B 35 -26.62 -21.95 -1.38
N PHE B 36 -25.67 -22.62 -0.71
CA PHE B 36 -25.95 -23.15 0.61
C PHE B 36 -26.26 -22.02 1.60
N ILE B 37 -25.44 -20.96 1.61
CA ILE B 37 -25.64 -19.88 2.57
C ILE B 37 -26.71 -18.93 2.11
N ALA B 38 -26.99 -18.90 0.81
CA ALA B 38 -27.96 -17.97 0.25
C ALA B 38 -28.70 -18.71 -0.85
N PRO B 39 -29.75 -19.45 -0.48
CA PRO B 39 -30.45 -20.27 -1.48
C PRO B 39 -30.96 -19.43 -2.63
N GLY B 40 -30.70 -19.90 -3.86
CA GLY B 40 -31.14 -19.24 -5.08
C GLY B 40 -30.26 -18.10 -5.58
N TYR B 41 -29.15 -17.82 -4.90
CA TYR B 41 -28.30 -16.67 -5.24
C TYR B 41 -27.84 -16.72 -6.70
N SER B 42 -27.26 -17.85 -7.09
CA SER B 42 -26.82 -18.15 -8.45
C SER B 42 -27.87 -17.87 -9.52
N MET B 43 -29.15 -17.96 -9.19
CA MET B 43 -30.19 -17.75 -10.19
C MET B 43 -30.60 -16.27 -10.35
N ILE B 44 -30.22 -15.43 -9.41
CA ILE B 44 -30.73 -14.06 -9.33
C ILE B 44 -29.65 -13.03 -9.62
N ILE B 45 -28.47 -13.20 -9.04
CA ILE B 45 -27.47 -12.14 -9.04
C ILE B 45 -26.58 -12.28 -10.26
N LYS B 46 -26.56 -11.25 -11.10
CA LYS B 46 -25.95 -11.40 -12.43
C LYS B 46 -24.43 -11.34 -12.38
N HIS B 47 -23.87 -10.48 -11.53
CA HIS B 47 -22.42 -10.28 -11.45
C HIS B 47 -22.00 -10.41 -9.98
N PRO B 48 -21.87 -11.62 -9.47
CA PRO B 48 -21.35 -11.79 -8.10
C PRO B 48 -19.94 -11.22 -7.94
N MET B 49 -19.65 -10.75 -6.74
CA MET B 49 -18.31 -10.23 -6.42
C MET B 49 -18.07 -10.40 -4.93
N ASP B 50 -16.80 -10.59 -4.57
CA ASP B 50 -16.35 -10.77 -3.19
C ASP B 50 -14.87 -10.41 -3.11
N PHE B 51 -14.39 -10.21 -1.89
CA PHE B 51 -13.01 -9.77 -1.70
C PHE B 51 -12.00 -10.78 -2.25
N SER B 52 -12.24 -12.08 -2.05
CA SER B 52 -11.30 -13.06 -2.58
C SER B 52 -11.20 -12.97 -4.09
N THR B 53 -12.34 -12.77 -4.76
CA THR B 53 -12.35 -12.64 -6.21
C THR B 53 -11.64 -11.36 -6.65
N MET B 54 -11.86 -10.26 -5.93
CA MET B 54 -11.11 -9.04 -6.21
C MET B 54 -9.62 -9.29 -6.07
N LYS B 55 -9.22 -10.00 -5.00
CA LYS B 55 -7.81 -10.27 -4.78
C LYS B 55 -7.21 -11.15 -5.87
N GLU B 56 -7.95 -12.16 -6.34
CA GLU B 56 -7.41 -12.94 -7.45
C GLU B 56 -7.31 -12.12 -8.73
N LYS B 57 -8.19 -11.15 -8.92
CA LYS B 57 -8.10 -10.28 -10.09
C LYS B 57 -6.88 -9.37 -10.03
N ILE B 58 -6.58 -8.82 -8.84
CA ILE B 58 -5.36 -8.03 -8.70
C ILE B 58 -4.14 -8.89 -8.95
N LYS B 59 -4.10 -10.06 -8.32
CA LYS B 59 -2.98 -10.98 -8.49
C LYS B 59 -2.77 -11.33 -9.96
N ASN B 60 -3.85 -11.47 -10.72
CA ASN B 60 -3.73 -11.82 -12.12
C ASN B 60 -3.69 -10.61 -13.04
N ASN B 61 -3.45 -9.42 -12.49
CA ASN B 61 -3.26 -8.19 -13.27
C ASN B 61 -4.46 -7.89 -14.18
N ASP B 62 -5.68 -8.12 -13.67
CA ASP B 62 -6.90 -7.94 -14.45
C ASP B 62 -7.49 -6.54 -14.36
N TYR B 63 -7.11 -5.76 -13.35
CA TYR B 63 -7.61 -4.40 -13.22
C TYR B 63 -6.76 -3.44 -14.04
N GLN B 64 -7.41 -2.64 -14.88
CA GLN B 64 -6.72 -1.64 -15.66
C GLN B 64 -6.53 -0.33 -14.93
N SER B 65 -7.32 -0.09 -13.88
CA SER B 65 -7.21 1.17 -13.15
C SER B 65 -7.81 0.98 -11.77
N ILE B 66 -7.51 1.93 -10.89
CA ILE B 66 -8.15 1.94 -9.58
C ILE B 66 -9.67 2.04 -9.75
N GLU B 67 -10.14 2.74 -10.77
CA GLU B 67 -11.58 2.94 -10.91
C GLU B 67 -12.30 1.62 -11.16
N GLU B 68 -11.68 0.67 -11.86
CA GLU B 68 -12.31 -0.64 -12.05
C GLU B 68 -12.51 -1.36 -10.71
N LEU B 69 -11.49 -1.35 -9.85
CA LEU B 69 -11.64 -1.90 -8.51
C LEU B 69 -12.77 -1.22 -7.77
N LYS B 70 -12.80 0.11 -7.81
CA LYS B 70 -13.87 0.85 -7.14
C LYS B 70 -15.22 0.38 -7.64
N ASP B 71 -15.36 0.21 -8.96
CA ASP B 71 -16.63 -0.25 -9.54
C ASP B 71 -16.98 -1.66 -9.06
N ASN B 72 -15.98 -2.56 -9.03
CA ASN B 72 -16.23 -3.90 -8.50
C ASN B 72 -16.66 -3.84 -7.05
N PHE B 73 -16.04 -2.97 -6.27
CA PHE B 73 -16.38 -2.86 -4.86
C PHE B 73 -17.83 -2.43 -4.69
N LYS B 74 -18.23 -1.40 -5.45
CA LYS B 74 -19.61 -0.92 -5.40
C LYS B 74 -20.57 -2.01 -5.83
N LEU B 75 -20.25 -2.74 -6.89
CA LEU B 75 -21.07 -3.87 -7.31
C LEU B 75 -21.25 -4.85 -6.15
N MET B 76 -20.16 -5.16 -5.46
CA MET B 76 -20.20 -6.13 -4.37
C MET B 76 -21.15 -5.70 -3.26
N CYS B 77 -21.04 -4.45 -2.81
CA CYS B 77 -21.95 -3.96 -1.77
C CYS B 77 -23.37 -3.83 -2.32
N THR B 78 -23.52 -3.46 -3.58
CA THR B 78 -24.84 -3.31 -4.19
C THR B 78 -25.58 -4.64 -4.25
N ASN B 79 -24.90 -5.67 -4.73
CA ASN B 79 -25.47 -7.02 -4.76
C ASN B 79 -26.03 -7.39 -3.40
N ALA B 80 -25.31 -7.03 -2.33
CA ALA B 80 -25.71 -7.40 -0.99
C ALA B 80 -26.87 -6.56 -0.49
N MET B 81 -26.95 -5.29 -0.89
CA MET B 81 -28.07 -4.49 -0.42
C MET B 81 -29.32 -4.71 -1.26
N ILE B 82 -29.23 -5.45 -2.36
CA ILE B 82 -30.40 -5.83 -3.14
C ILE B 82 -30.93 -7.18 -2.71
N TYR B 83 -30.05 -8.18 -2.62
CA TYR B 83 -30.48 -9.53 -2.33
C TYR B 83 -31.07 -9.66 -0.93
N ASN B 84 -30.60 -8.84 0.02
CA ASN B 84 -30.99 -8.97 1.42
C ASN B 84 -31.94 -7.84 1.79
N LYS B 85 -32.95 -8.17 2.60
CA LYS B 85 -33.90 -7.18 3.06
C LYS B 85 -33.25 -6.17 4.00
N PRO B 86 -33.83 -4.97 4.10
CA PRO B 86 -33.19 -3.92 4.91
C PRO B 86 -33.00 -4.27 6.38
N GLU B 87 -33.89 -5.06 6.98
CA GLU B 87 -33.75 -5.30 8.41
C GLU B 87 -32.71 -6.35 8.76
N THR B 88 -32.06 -6.98 7.76
CA THR B 88 -31.15 -8.10 7.97
C THR B 88 -29.74 -7.62 8.36
N ILE B 89 -28.99 -8.54 8.96
CA ILE B 89 -27.63 -8.20 9.35
C ILE B 89 -26.75 -7.97 8.11
N TYR B 90 -27.01 -8.69 7.02
CA TYR B 90 -26.17 -8.56 5.83
C TYR B 90 -26.39 -7.22 5.14
N TYR B 91 -27.64 -6.78 5.02
CA TYR B 91 -27.92 -5.45 4.47
C TYR B 91 -27.23 -4.38 5.30
N LYS B 92 -27.36 -4.47 6.63
CA LYS B 92 -26.75 -3.48 7.50
C LYS B 92 -25.23 -3.48 7.34
N ALA B 93 -24.63 -4.67 7.31
CA ALA B 93 -23.19 -4.76 7.15
C ALA B 93 -22.75 -4.21 5.80
N ALA B 94 -23.53 -4.44 4.76
CA ALA B 94 -23.16 -3.97 3.43
C ALA B 94 -23.27 -2.46 3.34
N LYS B 95 -24.33 -1.89 3.92
CA LYS B 95 -24.44 -0.43 3.94
C LYS B 95 -23.25 0.21 4.63
N LYS B 96 -22.82 -0.36 5.76
CA LYS B 96 -21.68 0.18 6.48
C LYS B 96 -20.38 -0.05 5.71
N LEU B 97 -20.20 -1.24 5.12
CA LEU B 97 -18.99 -1.46 4.32
C LEU B 97 -18.92 -0.49 3.15
N LEU B 98 -20.07 -0.22 2.50
CA LEU B 98 -20.08 0.67 1.34
C LEU B 98 -19.71 2.10 1.71
N HIS B 99 -20.27 2.61 2.80
CA HIS B 99 -19.98 3.99 3.18
C HIS B 99 -18.50 4.16 3.50
N SER B 100 -17.92 3.20 4.21
CA SER B 100 -16.48 3.27 4.53
C SER B 100 -15.62 3.09 3.29
N GLY B 101 -16.00 2.16 2.41
CA GLY B 101 -15.22 1.95 1.21
C GLY B 101 -15.23 3.14 0.28
N MET B 102 -16.36 3.85 0.22
CA MET B 102 -16.43 5.02 -0.64
C MET B 102 -15.57 6.18 -0.14
N LYS B 103 -15.18 6.18 1.15
CA LYS B 103 -14.20 7.17 1.60
C LYS B 103 -12.78 6.66 1.38
N ILE B 104 -12.55 5.36 1.54
CA ILE B 104 -11.25 4.79 1.22
C ILE B 104 -10.97 4.98 -0.27
N LEU B 105 -12.00 4.85 -1.10
CA LEU B 105 -11.88 4.98 -2.55
C LEU B 105 -12.38 6.32 -3.06
N SER B 106 -12.28 7.38 -2.25
CA SER B 106 -12.76 8.69 -2.67
C SER B 106 -12.04 9.16 -3.91
N GLN B 107 -12.72 9.99 -4.70
CA GLN B 107 -12.14 10.53 -5.93
C GLN B 107 -10.84 11.27 -5.67
N GLU B 108 -10.74 11.94 -4.53
CA GLU B 108 -9.50 12.63 -4.22
C GLU B 108 -8.36 11.64 -4.01
N ARG B 109 -8.61 10.59 -3.24
CA ARG B 109 -7.52 9.70 -2.88
C ARG B 109 -7.11 8.78 -4.01
N ILE B 110 -8.06 8.36 -4.86
CA ILE B 110 -7.72 7.48 -5.99
C ILE B 110 -6.81 8.17 -6.99
N GLN B 111 -7.01 9.45 -7.27
CA GLN B 111 -6.15 10.05 -8.28
C GLN B 111 -4.91 10.69 -7.67
N SER B 112 -4.87 10.84 -6.34
CA SER B 112 -3.60 11.15 -5.73
C SER B 112 -2.75 9.90 -5.60
N LEU B 113 -3.36 8.73 -5.68
CA LEU B 113 -2.58 7.50 -5.84
C LEU B 113 -2.16 7.29 -7.30
N LYS B 114 -2.95 7.75 -8.29
CA LYS B 114 -2.61 7.43 -9.67
C LYS B 114 -1.48 8.34 -10.15
N GLN B 115 -1.54 9.62 -9.76
CA GLN B 115 -0.48 10.55 -10.08
C GLN B 115 0.77 10.20 -9.31
N SER B 116 0.65 9.43 -8.22
CA SER B 116 1.86 8.88 -7.60
C SER B 116 2.46 7.78 -8.48
N ILE B 117 1.60 6.95 -9.07
CA ILE B 117 2.07 5.95 -10.04
C ILE B 117 2.72 6.63 -11.24
N ASP B 118 2.04 7.64 -11.80
CA ASP B 118 2.56 8.31 -12.98
C ASP B 118 3.88 9.01 -12.69
N PHE B 119 3.96 9.67 -11.55
CA PHE B 119 5.22 10.27 -11.12
C PHE B 119 6.33 9.23 -11.08
N MET B 120 6.08 8.09 -10.41
CA MET B 120 7.10 7.05 -10.30
C MET B 120 7.47 6.47 -11.66
N ALA B 121 6.51 6.44 -12.59
CA ALA B 121 6.78 5.90 -13.92
C ALA B 121 7.79 6.74 -14.67
N ASP B 122 7.86 8.04 -14.38
CA ASP B 122 8.66 8.97 -15.18
C ASP B 122 10.07 9.17 -14.65
N LEU B 123 10.41 8.59 -13.51
CA LEU B 123 11.66 8.89 -12.84
C LEU B 123 12.90 8.50 -13.66
CL CL C . 18.20 -6.58 -5.94
C01 H1B D . 21.43 10.37 -2.84
C05 H1B D . 21.35 11.56 -1.88
N08 H1B D . 22.48 12.36 -2.29
C09 H1B D . 23.75 12.14 -1.63
C11 H1B D . 24.95 12.93 -2.05
C12 H1B D . 26.27 12.64 -1.32
C13 H1B D . 26.33 12.39 0.04
C15 H1B D . 27.56 12.12 0.65
C17 H1B D . 28.71 12.08 -0.12
C19 H1B D . 28.63 12.31 -1.49
C20 H1B D . 27.40 12.59 -2.07
C22 H1B D . 29.86 12.27 -2.38
F23 H1B D . 30.44 13.50 -2.38
F24 H1B D . 29.52 11.97 -3.67
F25 H1B D . 30.70 11.31 -1.94
C26 H1B D . 24.84 13.92 -3.20
S27 H1B D . 25.93 14.90 -3.92
C28 H1B D . 25.01 15.63 -5.05
C29 H1B D . 23.68 15.12 -4.96
C31 H1B D . 23.59 14.09 -3.85
C32 H1B D . 22.35 13.30 -3.41
O33 H1B D . 21.32 13.49 -3.99
C34 H1B D . 25.42 16.65 -6.09
N35 H1B D . 26.40 17.42 -5.96
N37 H1B D . 24.63 16.63 -7.30
C39 H1B D . 24.85 17.50 -8.42
C41 H1B D . 25.41 16.47 -9.66
C44 H1B D . 25.35 17.10 -11.05
S47 H1B D . 23.87 17.64 -11.33
O48 H1B D . 23.92 18.51 -12.50
O49 H1B D . 23.11 16.38 -11.53
C50 H1B D . 23.05 18.56 -10.26
C53 H1B D . 23.35 18.22 -8.79
C01 H1B E . -22.57 -9.83 1.90
C05 H1B E . -22.53 -11.04 0.99
N08 H1B E . -23.33 -12.05 1.65
C09 H1B E . -22.69 -12.97 2.57
C11 H1B E . -23.50 -14.03 3.29
C12 H1B E . -22.77 -14.95 4.26
C13 H1B E . -21.53 -15.49 3.95
C15 H1B E . -20.91 -16.31 4.88
C17 H1B E . -21.51 -16.57 6.10
C19 H1B E . -22.74 -16.01 6.41
C20 H1B E . -23.37 -15.20 5.48
C22 H1B E . -23.45 -16.27 7.75
F23 H1B E . -24.80 -16.39 7.60
F24 H1B E . -23.19 -15.21 8.58
F25 H1B E . -23.00 -17.41 8.32
C26 H1B E . -25.00 -14.10 3.06
S27 H1B E . -26.12 -15.10 3.68
C28 H1B E . -27.44 -14.55 2.89
C29 H1B E . -27.10 -13.45 2.04
C31 H1B E . -25.60 -13.19 2.14
C32 H1B E . -24.77 -12.12 1.41
O33 H1B E . -25.32 -11.38 0.64
C34 H1B E . -28.87 -15.00 3.03
N35 H1B E . -29.19 -16.19 3.25
N37 H1B E . -29.84 -13.91 2.93
C39 H1B E . -31.28 -14.05 3.07
C41 H1B E . -31.99 -13.29 1.73
C44 H1B E . -33.51 -13.09 1.92
S47 H1B E . -33.79 -12.34 3.33
O48 H1B E . -33.36 -10.95 3.17
O49 H1B E . -35.23 -12.46 3.50
C50 H1B E . -33.08 -12.78 4.72
C53 H1B E . -31.63 -13.22 4.51
#